data_2BXP
#
_entry.id   2BXP
#
_cell.length_a   186.654
_cell.length_b   38.757
_cell.length_c   95.888
_cell.angle_alpha   90.00
_cell.angle_beta   105.16
_cell.angle_gamma   90.00
#
_symmetry.space_group_name_H-M   'C 1 2 1'
#
loop_
_entity.id
_entity.type
_entity.pdbx_description
1 polymer 'SERUM ALBUMIN'
2 non-polymer 'MYRISTIC ACID'
3 non-polymer 4-BUTYL-1,2-DIPHENYL-PYRAZOLIDINE-3,5-DIONE
4 water water
#
_entity_poly.entity_id   1
_entity_poly.type   'polypeptide(L)'
_entity_poly.pdbx_seq_one_letter_code
;DAHKSEVAHRFKDLGEENFKALVLIAFAQYLQQCPFEDHVKLVNEVTEFAKTCVADESAENCDKSLHTLFGDKLCTVATL
RETYGEMADCCAKQEPERNECFLQHKDDNPNLPRLVRPEVDVMCTAFHDNEETFLKKYLYEIARRHPYFYAPELLFFAKR
YKAAFTECCQAADKAACLLPKLDELRDEGKASSAKQRLKCASLQKFGERAFKAWAVARLSQRFPKAEFAEVSKLVTDLTK
VHTECCHGDLLECADDRADLAKYICENQDSISSKLKECCEKPLLEKSHCIAEVENDEMPADLPSLAADFVESKDVCKNYA
EAKDVFLGMFLYEYARRHPDYSVVLLLRLAKTYETTLEKCCAAADPHECYAKVFDEFKPLVEEPQNLIKQNCELFEQLGE
YKFQNALLVRYTKKVPQVSTPTLVEVSRNLGKVGSKCCKHPEAKRMPCAEDYLSVVLNQLCVLHEKTPVSDRVTKCCTES
LVNRRPCFSALEVDETYVPKEFNAETFTFHADICTLSEKERQIKKQTALVELVKHKPKATKEQLKAVMDDFAAFVEKCCK
ADDKETCFAEEGKKLVAASQAALGL
;
_entity_poly.pdbx_strand_id   A
#
loop_
_chem_comp.id
_chem_comp.type
_chem_comp.name
_chem_comp.formula
MYR non-polymer 'MYRISTIC ACID' 'C14 H28 O2'
P1Z non-polymer 4-BUTYL-1,2-DIPHENYL-PYRAZOLIDINE-3,5-DIONE 'C19 H20 N2 O2'
#
# COMPACT_ATOMS: atom_id res chain seq x y z
N HIS A 3 -9.73 -31.26 -16.54
CA HIS A 3 -9.78 -32.46 -15.66
C HIS A 3 -11.19 -32.70 -15.15
N LYS A 4 -11.50 -33.96 -14.84
CA LYS A 4 -12.83 -34.33 -14.38
C LYS A 4 -13.20 -33.79 -13.00
N SER A 5 -12.20 -33.53 -12.16
CA SER A 5 -12.47 -33.03 -10.82
C SER A 5 -11.67 -31.80 -10.44
N GLU A 6 -12.38 -30.69 -10.21
CA GLU A 6 -11.74 -29.44 -9.83
C GLU A 6 -10.98 -29.53 -8.52
N VAL A 7 -11.67 -29.94 -7.45
CA VAL A 7 -11.04 -30.05 -6.13
C VAL A 7 -9.79 -30.92 -6.16
N ALA A 8 -9.89 -32.07 -6.83
CA ALA A 8 -8.76 -32.99 -6.91
C ALA A 8 -7.55 -32.31 -7.52
N HIS A 9 -7.78 -31.65 -8.66
CA HIS A 9 -6.71 -30.95 -9.37
C HIS A 9 -6.06 -29.87 -8.50
N ARG A 10 -6.89 -29.04 -7.86
CA ARG A 10 -6.38 -27.99 -6.99
C ARG A 10 -5.58 -28.56 -5.83
N PHE A 11 -6.10 -29.62 -5.23
CA PHE A 11 -5.43 -30.27 -4.11
C PHE A 11 -4.04 -30.76 -4.54
N LYS A 12 -3.96 -31.29 -5.75
CA LYS A 12 -2.69 -31.79 -6.27
C LYS A 12 -1.61 -30.74 -6.52
N ASP A 13 -1.92 -29.64 -7.22
CA ASP A 13 -0.83 -28.70 -7.42
C ASP A 13 -0.62 -27.73 -6.27
N LEU A 14 -1.53 -27.76 -5.29
CA LEU A 14 -1.38 -26.87 -4.16
C LEU A 14 -0.64 -27.57 -3.03
N GLY A 15 -0.94 -28.86 -2.83
CA GLY A 15 -0.33 -29.59 -1.74
C GLY A 15 -1.28 -29.50 -0.56
N GLU A 16 -1.34 -30.55 0.27
CA GLU A 16 -2.25 -30.54 1.40
C GLU A 16 -2.14 -29.34 2.35
N GLU A 17 -0.94 -29.02 2.79
CA GLU A 17 -0.75 -27.90 3.69
C GLU A 17 -1.29 -26.58 3.14
N ASN A 18 -0.94 -26.27 1.90
CA ASN A 18 -1.41 -25.03 1.32
C ASN A 18 -2.93 -25.02 1.11
N PHE A 19 -3.46 -26.15 0.66
CA PHE A 19 -4.90 -26.29 0.43
C PHE A 19 -5.69 -25.96 1.69
N LYS A 20 -5.24 -26.54 2.81
CA LYS A 20 -5.90 -26.36 4.11
C LYS A 20 -5.90 -24.94 4.62
N ALA A 21 -4.77 -24.26 4.49
CA ALA A 21 -4.66 -22.88 4.93
C ALA A 21 -5.56 -21.97 4.05
N LEU A 22 -5.58 -22.22 2.75
CA LEU A 22 -6.40 -21.42 1.84
C LEU A 22 -7.88 -21.63 2.08
N VAL A 23 -8.31 -22.86 2.34
CA VAL A 23 -9.71 -23.10 2.60
C VAL A 23 -10.08 -22.36 3.88
N LEU A 24 -9.20 -22.40 4.89
CA LEU A 24 -9.49 -21.69 6.12
C LEU A 24 -9.68 -20.19 5.84
N ILE A 25 -8.76 -19.59 5.08
CA ILE A 25 -8.85 -18.17 4.79
C ILE A 25 -10.13 -17.81 4.04
N ALA A 26 -10.48 -18.61 3.04
CA ALA A 26 -11.66 -18.39 2.23
C ALA A 26 -12.93 -18.40 3.06
N PHE A 27 -13.04 -19.35 3.99
CA PHE A 27 -14.22 -19.44 4.85
C PHE A 27 -14.26 -18.29 5.84
N ALA A 28 -13.11 -17.96 6.40
CA ALA A 28 -13.05 -16.88 7.37
C ALA A 28 -13.46 -15.53 6.76
N GLN A 29 -13.16 -15.33 5.47
CA GLN A 29 -13.52 -14.08 4.81
C GLN A 29 -15.01 -13.95 4.50
N TYR A 30 -15.72 -15.07 4.45
CA TYR A 30 -17.16 -15.08 4.19
C TYR A 30 -17.97 -15.16 5.48
N LEU A 31 -17.60 -16.08 6.36
CA LEU A 31 -18.28 -16.23 7.64
C LEU A 31 -17.44 -15.57 8.71
N GLN A 32 -17.31 -14.25 8.62
CA GLN A 32 -16.51 -13.47 9.53
C GLN A 32 -16.91 -13.53 11.01
N GLN A 33 -18.11 -14.01 11.28
CA GLN A 33 -18.61 -14.08 12.65
C GLN A 33 -18.54 -15.45 13.31
N CYS A 34 -18.27 -16.49 12.53
CA CYS A 34 -18.20 -17.80 13.14
C CYS A 34 -16.88 -17.99 13.91
N PRO A 35 -16.93 -18.75 15.01
CA PRO A 35 -15.72 -18.99 15.80
C PRO A 35 -14.74 -19.94 15.12
N PHE A 36 -13.50 -19.88 15.58
CA PHE A 36 -12.41 -20.68 15.07
C PHE A 36 -12.70 -22.18 14.97
N GLU A 37 -13.20 -22.77 16.05
CA GLU A 37 -13.51 -24.19 16.09
C GLU A 37 -14.44 -24.63 14.96
N ASP A 38 -15.40 -23.78 14.60
CA ASP A 38 -16.31 -24.15 13.52
C ASP A 38 -15.60 -24.15 12.17
N HIS A 39 -14.75 -23.17 11.96
CA HIS A 39 -14.01 -23.08 10.70
C HIS A 39 -13.08 -24.28 10.53
N VAL A 40 -12.34 -24.61 11.59
CA VAL A 40 -11.44 -25.75 11.54
C VAL A 40 -12.21 -27.00 11.15
N LYS A 41 -13.42 -27.13 11.67
CA LYS A 41 -14.25 -28.27 11.37
C LYS A 41 -14.59 -28.31 9.89
N LEU A 42 -14.90 -27.15 9.32
CA LEU A 42 -15.21 -27.07 7.89
C LEU A 42 -13.98 -27.44 7.05
N VAL A 43 -12.82 -26.91 7.40
CA VAL A 43 -11.61 -27.22 6.67
C VAL A 43 -11.39 -28.75 6.62
N ASN A 44 -11.48 -29.42 7.77
CA ASN A 44 -11.30 -30.87 7.85
C ASN A 44 -12.27 -31.63 6.92
N GLU A 45 -13.51 -31.20 6.86
CA GLU A 45 -14.49 -31.86 5.99
C GLU A 45 -14.21 -31.64 4.51
N VAL A 46 -13.82 -30.43 4.15
CA VAL A 46 -13.52 -30.12 2.76
C VAL A 46 -12.26 -30.89 2.33
N THR A 47 -11.26 -30.89 3.21
CA THR A 47 -10.00 -31.59 2.91
C THR A 47 -10.24 -33.10 2.78
N GLU A 48 -11.00 -33.65 3.72
CA GLU A 48 -11.31 -35.07 3.69
C GLU A 48 -12.00 -35.39 2.35
N PHE A 49 -12.98 -34.55 1.98
CA PHE A 49 -13.69 -34.76 0.73
C PHE A 49 -12.68 -34.69 -0.43
N ALA A 50 -11.84 -33.66 -0.41
CA ALA A 50 -10.83 -33.49 -1.46
C ALA A 50 -10.00 -34.75 -1.66
N LYS A 51 -9.58 -35.38 -0.56
CA LYS A 51 -8.78 -36.59 -0.63
C LYS A 51 -9.52 -37.74 -1.28
N THR A 52 -10.83 -37.77 -1.12
CA THR A 52 -11.64 -38.83 -1.71
C THR A 52 -11.55 -38.70 -3.22
N CYS A 53 -11.65 -37.45 -3.70
CA CYS A 53 -11.60 -37.19 -5.12
C CYS A 53 -10.23 -37.42 -5.69
N VAL A 54 -9.21 -37.24 -4.86
CA VAL A 54 -7.84 -37.46 -5.31
C VAL A 54 -7.69 -38.95 -5.60
N ALA A 55 -8.18 -39.80 -4.71
CA ALA A 55 -8.09 -41.24 -4.89
C ALA A 55 -8.89 -41.75 -6.09
N ASP A 56 -9.99 -41.06 -6.42
CA ASP A 56 -10.85 -41.46 -7.55
C ASP A 56 -11.69 -40.28 -8.03
N GLU A 57 -11.29 -39.69 -9.16
CA GLU A 57 -12.00 -38.55 -9.72
C GLU A 57 -13.47 -38.82 -10.00
N SER A 58 -13.90 -40.07 -9.83
CA SER A 58 -15.28 -40.41 -10.11
C SER A 58 -16.16 -40.54 -8.89
N ALA A 59 -15.59 -40.38 -7.70
CA ALA A 59 -16.38 -40.46 -6.47
C ALA A 59 -17.45 -39.38 -6.57
N GLU A 60 -18.56 -39.59 -5.87
CA GLU A 60 -19.68 -38.64 -5.90
C GLU A 60 -19.33 -37.20 -5.49
N ASN A 61 -19.91 -36.26 -6.22
CA ASN A 61 -19.73 -34.82 -5.99
C ASN A 61 -18.39 -34.29 -6.46
N CYS A 62 -17.46 -35.19 -6.74
CA CYS A 62 -16.14 -34.78 -7.20
C CYS A 62 -16.17 -34.07 -8.55
N ASP A 63 -17.29 -34.19 -9.24
CA ASP A 63 -17.45 -33.57 -10.54
C ASP A 63 -17.96 -32.13 -10.41
N LYS A 64 -18.51 -31.80 -9.25
CA LYS A 64 -19.05 -30.47 -9.00
C LYS A 64 -17.95 -29.40 -9.06
N SER A 65 -18.30 -28.23 -9.56
CA SER A 65 -17.34 -27.13 -9.65
C SER A 65 -17.00 -26.65 -8.23
N LEU A 66 -15.95 -25.86 -8.12
CA LEU A 66 -15.55 -25.34 -6.81
C LEU A 66 -16.55 -24.33 -6.26
N HIS A 67 -17.13 -23.50 -7.13
CA HIS A 67 -18.11 -22.52 -6.69
C HIS A 67 -19.29 -23.25 -6.05
N THR A 68 -19.79 -24.26 -6.76
CA THR A 68 -20.91 -25.04 -6.27
C THR A 68 -20.59 -25.68 -4.93
N LEU A 69 -19.44 -26.35 -4.85
CA LEU A 69 -19.04 -27.00 -3.60
C LEU A 69 -18.85 -26.01 -2.46
N PHE A 70 -18.20 -24.89 -2.74
CA PHE A 70 -17.99 -23.87 -1.74
C PHE A 70 -19.34 -23.35 -1.25
N GLY A 71 -20.23 -23.07 -2.20
CA GLY A 71 -21.55 -22.57 -1.86
C GLY A 71 -22.37 -23.56 -1.06
N ASP A 72 -22.35 -24.83 -1.43
CA ASP A 72 -23.13 -25.82 -0.68
C ASP A 72 -22.66 -25.93 0.76
N LYS A 73 -21.36 -25.85 1.00
CA LYS A 73 -20.88 -25.97 2.36
C LYS A 73 -21.21 -24.73 3.18
N LEU A 74 -21.21 -23.58 2.52
CA LEU A 74 -21.53 -22.34 3.20
C LEU A 74 -22.99 -22.38 3.67
N CYS A 75 -23.85 -22.92 2.83
CA CYS A 75 -25.26 -23.01 3.13
C CYS A 75 -25.60 -24.10 4.15
N THR A 76 -24.58 -24.80 4.60
CA THR A 76 -24.74 -25.87 5.57
C THR A 76 -24.67 -25.32 7.00
N VAL A 77 -24.01 -24.18 7.16
CA VAL A 77 -23.91 -23.56 8.48
C VAL A 77 -25.32 -23.35 9.04
N ALA A 78 -25.62 -24.05 10.13
CA ALA A 78 -26.93 -24.00 10.79
C ALA A 78 -27.37 -22.63 11.30
N THR A 79 -26.44 -21.84 11.79
CA THR A 79 -26.76 -20.52 12.31
C THR A 79 -26.70 -19.42 11.26
N LEU A 80 -26.50 -19.81 10.00
CA LEU A 80 -26.39 -18.87 8.90
C LEU A 80 -27.42 -17.74 8.93
N ARG A 81 -28.67 -18.08 9.21
CA ARG A 81 -29.75 -17.10 9.27
C ARG A 81 -29.72 -16.23 10.53
N GLU A 82 -29.61 -16.88 11.69
CA GLU A 82 -29.58 -16.14 12.96
C GLU A 82 -28.36 -15.25 13.13
N THR A 83 -27.26 -15.60 12.47
CA THR A 83 -26.03 -14.81 12.60
C THR A 83 -25.82 -13.78 11.49
N TYR A 84 -26.00 -14.22 10.25
CA TYR A 84 -25.78 -13.35 9.10
C TYR A 84 -27.08 -12.90 8.44
N GLY A 85 -28.19 -13.48 8.88
CA GLY A 85 -29.49 -13.11 8.35
C GLY A 85 -29.69 -13.12 6.85
N GLU A 86 -29.73 -11.92 6.26
CA GLU A 86 -29.93 -11.73 4.84
C GLU A 86 -29.04 -12.62 3.95
N MET A 87 -27.83 -12.87 4.42
CA MET A 87 -26.91 -13.70 3.65
C MET A 87 -27.50 -15.09 3.50
N ALA A 88 -28.26 -15.53 4.49
CA ALA A 88 -28.89 -16.85 4.45
C ALA A 88 -29.86 -16.98 3.27
N ASP A 89 -30.42 -15.86 2.81
CA ASP A 89 -31.34 -15.90 1.67
C ASP A 89 -30.59 -16.16 0.37
N CYS A 90 -29.27 -16.03 0.42
CA CYS A 90 -28.47 -16.31 -0.76
C CYS A 90 -28.58 -17.82 -1.07
N CYS A 91 -28.84 -18.62 -0.04
CA CYS A 91 -28.93 -20.08 -0.22
C CYS A 91 -30.12 -20.58 -1.02
N ALA A 92 -31.11 -19.73 -1.25
CA ALA A 92 -32.29 -20.12 -2.01
C ALA A 92 -32.13 -19.90 -3.51
N LYS A 93 -30.93 -19.50 -3.94
CA LYS A 93 -30.69 -19.25 -5.35
C LYS A 93 -29.90 -20.35 -6.07
N GLN A 94 -29.93 -20.33 -7.40
CA GLN A 94 -29.19 -21.30 -8.21
C GLN A 94 -27.75 -20.82 -8.20
N GLU A 95 -26.82 -21.75 -8.03
CA GLU A 95 -25.40 -21.40 -7.91
C GLU A 95 -24.92 -20.16 -8.64
N PRO A 96 -25.05 -20.12 -9.97
CA PRO A 96 -24.56 -18.89 -10.62
C PRO A 96 -24.89 -17.65 -9.78
N GLU A 97 -26.17 -17.40 -9.57
CA GLU A 97 -26.58 -16.23 -8.79
C GLU A 97 -26.17 -16.35 -7.32
N ARG A 98 -26.16 -17.57 -6.78
CA ARG A 98 -25.80 -17.76 -5.38
C ARG A 98 -24.45 -17.18 -4.98
N ASN A 99 -23.41 -17.48 -5.75
CA ASN A 99 -22.08 -16.96 -5.42
C ASN A 99 -22.04 -15.44 -5.51
N GLU A 100 -22.75 -14.88 -6.47
CA GLU A 100 -22.78 -13.43 -6.63
C GLU A 100 -23.44 -12.82 -5.39
N CYS A 101 -24.51 -13.44 -4.92
CA CYS A 101 -25.23 -12.97 -3.75
C CYS A 101 -24.31 -12.97 -2.53
N PHE A 102 -23.58 -14.06 -2.33
CA PHE A 102 -22.65 -14.14 -1.21
C PHE A 102 -21.60 -13.03 -1.31
N LEU A 103 -21.15 -12.76 -2.52
CA LEU A 103 -20.14 -11.73 -2.74
C LEU A 103 -20.71 -10.37 -2.30
N GLN A 104 -21.91 -10.07 -2.75
CA GLN A 104 -22.56 -8.79 -2.40
C GLN A 104 -22.66 -8.60 -0.89
N HIS A 105 -22.81 -9.69 -0.14
CA HIS A 105 -22.99 -9.60 1.31
C HIS A 105 -21.73 -9.75 2.15
N LYS A 106 -20.58 -9.69 1.50
CA LYS A 106 -19.32 -9.80 2.22
C LYS A 106 -19.15 -8.45 2.91
N ASP A 107 -18.90 -8.46 4.21
CA ASP A 107 -18.72 -7.20 4.94
C ASP A 107 -17.23 -6.83 4.93
N ASP A 108 -16.92 -5.64 4.41
CA ASP A 108 -15.54 -5.18 4.33
C ASP A 108 -15.00 -4.56 5.61
N ASN A 109 -15.82 -3.75 6.26
CA ASN A 109 -15.41 -3.11 7.51
C ASN A 109 -16.30 -3.62 8.63
N PRO A 110 -16.02 -4.83 9.14
CA PRO A 110 -16.79 -5.43 10.23
C PRO A 110 -16.47 -4.76 11.55
N ASN A 111 -17.22 -5.10 12.59
CA ASN A 111 -16.97 -4.50 13.90
C ASN A 111 -16.41 -5.50 14.89
N LEU A 112 -15.17 -5.92 14.65
CA LEU A 112 -14.53 -6.87 15.54
C LEU A 112 -13.54 -6.10 16.40
N PRO A 113 -13.31 -6.57 17.63
CA PRO A 113 -12.37 -5.88 18.52
C PRO A 113 -11.02 -5.79 17.82
N ARG A 114 -10.27 -4.74 18.08
CA ARG A 114 -8.96 -4.62 17.49
C ARG A 114 -8.11 -5.78 18.03
N LEU A 115 -7.18 -6.25 17.22
CA LEU A 115 -6.32 -7.35 17.62
C LEU A 115 -5.15 -6.82 18.48
N VAL A 116 -4.98 -7.33 19.69
CA VAL A 116 -3.88 -6.85 20.53
C VAL A 116 -2.71 -7.81 20.55
N ARG A 117 -1.51 -7.25 20.38
CA ARG A 117 -0.28 -8.03 20.37
C ARG A 117 0.06 -8.47 21.79
N PRO A 118 -0.02 -9.78 22.09
CA PRO A 118 0.30 -10.22 23.45
C PRO A 118 1.80 -10.09 23.76
N GLU A 119 2.19 -10.37 25.00
CA GLU A 119 3.60 -10.29 25.39
C GLU A 119 4.42 -11.32 24.63
N VAL A 120 5.67 -10.97 24.32
CA VAL A 120 6.56 -11.87 23.58
C VAL A 120 6.64 -13.29 24.16
N ASP A 121 6.71 -13.42 25.48
CA ASP A 121 6.82 -14.75 26.04
C ASP A 121 5.57 -15.59 25.96
N VAL A 122 4.40 -14.95 25.95
CA VAL A 122 3.19 -15.74 25.84
C VAL A 122 3.10 -16.25 24.40
N MET A 123 3.48 -15.41 23.45
CA MET A 123 3.45 -15.80 22.05
C MET A 123 4.40 -16.97 21.82
N CYS A 124 5.66 -16.80 22.22
CA CYS A 124 6.65 -17.84 22.05
C CYS A 124 6.26 -19.14 22.73
N THR A 125 5.71 -19.06 23.93
CA THR A 125 5.29 -20.28 24.62
C THR A 125 4.16 -20.96 23.85
N ALA A 126 3.20 -20.17 23.40
CA ALA A 126 2.05 -20.68 22.64
C ALA A 126 2.53 -21.32 21.35
N PHE A 127 3.46 -20.64 20.70
CA PHE A 127 4.04 -21.12 19.45
C PHE A 127 4.68 -22.49 19.63
N HIS A 128 5.45 -22.67 20.68
CA HIS A 128 6.11 -23.95 20.95
C HIS A 128 5.15 -25.06 21.34
N ASP A 129 4.14 -24.74 22.12
CA ASP A 129 3.16 -25.72 22.58
C ASP A 129 2.21 -26.22 21.50
N ASN A 130 1.96 -25.41 20.48
CA ASN A 130 1.08 -25.83 19.40
C ASN A 130 1.20 -24.84 18.27
N GLU A 131 2.24 -25.03 17.48
CA GLU A 131 2.51 -24.16 16.35
C GLU A 131 1.33 -24.06 15.38
N GLU A 132 0.69 -25.19 15.10
CA GLU A 132 -0.44 -25.22 14.17
C GLU A 132 -1.60 -24.32 14.59
N THR A 133 -2.17 -24.59 15.75
CA THR A 133 -3.30 -23.79 16.21
C THR A 133 -2.97 -22.33 16.43
N PHE A 134 -1.73 -22.06 16.84
CA PHE A 134 -1.29 -20.69 17.09
C PHE A 134 -1.33 -19.88 15.80
N LEU A 135 -0.71 -20.42 14.76
CA LEU A 135 -0.65 -19.74 13.46
C LEU A 135 -2.01 -19.68 12.76
N LYS A 136 -2.75 -20.78 12.78
CA LYS A 136 -4.04 -20.84 12.10
C LYS A 136 -5.08 -19.94 12.76
N LYS A 137 -5.01 -19.83 14.09
CA LYS A 137 -5.96 -18.97 14.77
C LYS A 137 -5.71 -17.52 14.39
N TYR A 138 -4.44 -17.12 14.31
CA TYR A 138 -4.15 -15.75 13.95
C TYR A 138 -4.42 -15.51 12.49
N LEU A 139 -4.28 -16.57 11.69
CA LEU A 139 -4.54 -16.46 10.27
C LEU A 139 -6.04 -16.18 10.09
N TYR A 140 -6.85 -16.86 10.91
CA TYR A 140 -8.30 -16.71 10.90
C TYR A 140 -8.70 -15.31 11.36
N GLU A 141 -8.04 -14.83 12.40
CA GLU A 141 -8.30 -13.51 12.95
C GLU A 141 -7.99 -12.40 11.96
N ILE A 142 -6.92 -12.57 11.19
CA ILE A 142 -6.55 -11.56 10.22
C ILE A 142 -7.47 -11.60 9.00
N ALA A 143 -7.83 -12.79 8.55
CA ALA A 143 -8.68 -12.91 7.37
C ALA A 143 -10.13 -12.46 7.57
N ARG A 144 -10.69 -12.70 8.77
CA ARG A 144 -12.05 -12.26 9.05
C ARG A 144 -12.08 -10.71 9.06
N ARG A 145 -10.99 -10.08 9.47
CA ARG A 145 -10.91 -8.62 9.52
C ARG A 145 -10.59 -7.98 8.15
N HIS A 146 -10.03 -8.75 7.22
CA HIS A 146 -9.71 -8.24 5.89
C HIS A 146 -10.24 -9.20 4.82
N PRO A 147 -11.57 -9.40 4.76
CA PRO A 147 -12.23 -10.29 3.81
C PRO A 147 -11.94 -10.05 2.34
N TYR A 148 -11.29 -8.93 2.05
CA TYR A 148 -10.95 -8.52 0.69
C TYR A 148 -9.49 -8.83 0.32
N PHE A 149 -8.65 -9.04 1.32
CA PHE A 149 -7.22 -9.31 1.12
C PHE A 149 -7.08 -10.61 0.31
N TYR A 150 -6.45 -10.53 -0.86
CA TYR A 150 -6.25 -11.68 -1.73
C TYR A 150 -5.58 -12.83 -0.94
N ALA A 151 -6.33 -13.92 -0.77
CA ALA A 151 -5.91 -15.09 0.03
C ALA A 151 -4.47 -15.60 -0.08
N PRO A 152 -3.99 -15.90 -1.30
CA PRO A 152 -2.62 -16.39 -1.40
C PRO A 152 -1.56 -15.44 -0.84
N GLU A 153 -1.82 -14.13 -0.91
CA GLU A 153 -0.83 -13.21 -0.39
C GLU A 153 -0.83 -13.26 1.13
N LEU A 154 -2.01 -13.49 1.72
CA LEU A 154 -2.09 -13.58 3.17
C LEU A 154 -1.29 -14.80 3.63
N LEU A 155 -1.33 -15.86 2.83
CA LEU A 155 -0.57 -17.05 3.16
C LEU A 155 0.92 -16.73 3.10
N PHE A 156 1.33 -15.92 2.12
CA PHE A 156 2.73 -15.54 1.98
C PHE A 156 3.20 -14.80 3.24
N PHE A 157 2.30 -13.99 3.83
CA PHE A 157 2.63 -13.28 5.04
C PHE A 157 2.73 -14.23 6.23
N ALA A 158 1.82 -15.20 6.29
CA ALA A 158 1.82 -16.16 7.37
C ALA A 158 3.15 -16.89 7.45
N LYS A 159 3.69 -17.25 6.29
CA LYS A 159 4.95 -17.97 6.28
C LYS A 159 6.11 -17.15 6.82
N ARG A 160 6.05 -15.83 6.61
CA ARG A 160 7.09 -14.95 7.09
C ARG A 160 6.96 -14.77 8.60
N TYR A 161 5.74 -14.81 9.11
CA TYR A 161 5.52 -14.69 10.55
C TYR A 161 6.09 -15.95 11.22
N LYS A 162 5.80 -17.11 10.61
CA LYS A 162 6.29 -18.37 11.15
C LYS A 162 7.81 -18.32 11.26
N ALA A 163 8.46 -17.89 10.19
CA ALA A 163 9.91 -17.78 10.19
C ALA A 163 10.42 -16.83 11.28
N ALA A 164 9.65 -15.78 11.57
CA ALA A 164 10.07 -14.85 12.61
C ALA A 164 9.98 -15.48 14.00
N PHE A 165 8.99 -16.33 14.22
CA PHE A 165 8.86 -16.96 15.54
C PHE A 165 9.90 -18.06 15.71
N THR A 166 10.03 -18.88 14.68
CA THR A 166 10.98 -19.97 14.66
C THR A 166 12.36 -19.44 15.05
N GLU A 167 12.74 -18.35 14.41
CA GLU A 167 14.03 -17.75 14.67
C GLU A 167 14.10 -17.13 16.05
N CYS A 168 13.32 -16.08 16.26
CA CYS A 168 13.33 -15.37 17.53
C CYS A 168 12.96 -16.09 18.81
N CYS A 169 12.04 -17.05 18.75
CA CYS A 169 11.65 -17.72 19.98
C CYS A 169 12.71 -18.65 20.56
N GLN A 170 13.85 -18.75 19.88
CA GLN A 170 14.94 -19.60 20.34
C GLN A 170 16.20 -18.75 20.45
N ALA A 171 16.02 -17.51 20.91
CA ALA A 171 17.13 -16.58 21.07
C ALA A 171 17.27 -16.08 22.50
N ALA A 172 18.43 -15.53 22.82
CA ALA A 172 18.70 -15.01 24.15
C ALA A 172 17.67 -13.95 24.49
N ASP A 173 17.74 -12.83 23.76
CA ASP A 173 16.78 -11.75 23.98
C ASP A 173 15.71 -11.83 22.89
N LYS A 174 14.66 -12.60 23.17
CA LYS A 174 13.54 -12.78 22.25
C LYS A 174 12.96 -11.44 21.81
N ALA A 175 12.51 -10.65 22.78
CA ALA A 175 11.91 -9.36 22.52
C ALA A 175 12.72 -8.47 21.58
N ALA A 176 14.03 -8.36 21.82
CA ALA A 176 14.87 -7.53 20.96
C ALA A 176 14.91 -8.07 19.54
N CYS A 177 14.68 -9.37 19.41
CA CYS A 177 14.68 -10.04 18.11
C CYS A 177 13.32 -9.94 17.40
N LEU A 178 12.28 -10.38 18.09
CA LEU A 178 10.93 -10.44 17.54
C LEU A 178 10.18 -9.12 17.31
N LEU A 179 10.19 -8.23 18.29
CA LEU A 179 9.47 -6.96 18.18
C LEU A 179 9.67 -6.19 16.87
N PRO A 180 10.93 -5.91 16.51
CA PRO A 180 11.16 -5.17 15.27
C PRO A 180 10.68 -5.92 14.04
N LYS A 181 10.73 -7.25 14.11
CA LYS A 181 10.29 -8.07 12.98
C LYS A 181 8.77 -7.98 12.84
N LEU A 182 8.08 -7.96 13.97
CA LEU A 182 6.63 -7.86 13.99
C LEU A 182 6.15 -6.49 13.52
N ASP A 183 6.87 -5.45 13.91
CA ASP A 183 6.50 -4.10 13.47
C ASP A 183 6.71 -3.93 11.96
N GLU A 184 7.84 -4.42 11.46
CA GLU A 184 8.12 -4.34 10.04
C GLU A 184 7.08 -5.13 9.23
N LEU A 185 6.71 -6.30 9.75
CA LEU A 185 5.72 -7.17 9.10
C LEU A 185 4.34 -6.51 9.06
N ARG A 186 3.95 -5.86 10.14
CA ARG A 186 2.67 -5.17 10.22
C ARG A 186 2.62 -4.00 9.23
N ASP A 187 3.66 -3.18 9.22
CA ASP A 187 3.69 -2.04 8.31
C ASP A 187 3.56 -2.55 6.89
N GLU A 188 4.40 -3.53 6.56
CA GLU A 188 4.40 -4.14 5.24
C GLU A 188 3.02 -4.74 4.94
N GLY A 189 2.40 -5.36 5.94
CA GLY A 189 1.08 -5.95 5.74
C GLY A 189 0.04 -4.89 5.45
N LYS A 190 0.11 -3.78 6.18
CA LYS A 190 -0.83 -2.69 5.98
C LYS A 190 -0.64 -2.01 4.63
N ALA A 191 0.62 -1.87 4.21
CA ALA A 191 0.94 -1.25 2.93
C ALA A 191 0.36 -2.07 1.78
N SER A 192 0.51 -3.39 1.87
CA SER A 192 0.01 -4.31 0.85
C SER A 192 -1.50 -4.21 0.73
N SER A 193 -2.15 -4.09 1.87
CA SER A 193 -3.60 -3.97 1.95
C SER A 193 -4.03 -2.67 1.25
N ALA A 194 -3.36 -1.57 1.58
CA ALA A 194 -3.68 -0.26 1.01
C ALA A 194 -3.49 -0.27 -0.50
N LYS A 195 -2.39 -0.85 -0.97
CA LYS A 195 -2.12 -0.92 -2.39
C LYS A 195 -3.22 -1.65 -3.14
N GLN A 196 -3.72 -2.74 -2.57
CA GLN A 196 -4.79 -3.52 -3.20
C GLN A 196 -6.10 -2.71 -3.30
N ARG A 197 -6.46 -2.03 -2.22
CA ARG A 197 -7.67 -1.23 -2.21
C ARG A 197 -7.53 -0.06 -3.19
N LEU A 198 -6.40 0.63 -3.11
CA LEU A 198 -6.12 1.76 -4.00
C LEU A 198 -6.24 1.34 -5.46
N LYS A 199 -5.66 0.21 -5.81
CA LYS A 199 -5.72 -0.29 -7.19
C LYS A 199 -7.16 -0.42 -7.69
N CYS A 200 -8.00 -1.01 -6.87
CA CYS A 200 -9.40 -1.21 -7.25
C CYS A 200 -10.22 0.09 -7.30
N ALA A 201 -10.03 0.96 -6.32
CA ALA A 201 -10.76 2.21 -6.27
C ALA A 201 -10.38 3.11 -7.46
N SER A 202 -9.09 3.16 -7.77
CA SER A 202 -8.63 3.97 -8.88
C SER A 202 -9.22 3.42 -10.17
N LEU A 203 -9.31 2.10 -10.26
CA LEU A 203 -9.87 1.46 -11.44
C LEU A 203 -11.33 1.85 -11.61
N GLN A 204 -12.02 2.03 -10.49
CA GLN A 204 -13.43 2.40 -10.50
C GLN A 204 -13.63 3.89 -10.76
N LYS A 205 -12.83 4.72 -10.11
CA LYS A 205 -12.93 6.17 -10.26
C LYS A 205 -12.48 6.74 -11.61
N PHE A 206 -11.26 6.41 -12.01
CA PHE A 206 -10.70 6.96 -13.23
C PHE A 206 -10.84 6.14 -14.49
N GLY A 207 -11.34 4.92 -14.37
CA GLY A 207 -11.53 4.14 -15.57
C GLY A 207 -10.37 3.31 -16.10
N GLU A 208 -10.72 2.51 -17.09
CA GLU A 208 -9.81 1.60 -17.75
C GLU A 208 -8.66 2.22 -18.54
N ARG A 209 -8.92 3.33 -19.22
CA ARG A 209 -7.90 4.02 -20.00
C ARG A 209 -6.74 4.45 -19.11
N ALA A 210 -7.08 5.11 -18.02
CA ALA A 210 -6.09 5.57 -17.07
C ALA A 210 -5.29 4.41 -16.46
N PHE A 211 -5.97 3.31 -16.17
CA PHE A 211 -5.32 2.16 -15.59
C PHE A 211 -4.36 1.55 -16.60
N LYS A 212 -4.81 1.47 -17.85
CA LYS A 212 -4.01 0.92 -18.92
C LYS A 212 -2.74 1.73 -19.18
N ALA A 213 -2.84 3.06 -19.07
CA ALA A 213 -1.70 3.91 -19.29
C ALA A 213 -0.70 3.66 -18.17
N TRP A 214 -1.21 3.60 -16.96
CA TRP A 214 -0.40 3.36 -15.78
C TRP A 214 0.37 2.03 -15.95
N ALA A 215 -0.31 0.99 -16.41
CA ALA A 215 0.32 -0.32 -16.59
C ALA A 215 1.35 -0.35 -17.73
N VAL A 216 1.05 0.36 -18.81
CA VAL A 216 1.97 0.40 -19.93
C VAL A 216 3.29 0.95 -19.43
N ALA A 217 3.21 2.06 -18.70
CA ALA A 217 4.40 2.71 -18.17
C ALA A 217 5.18 1.79 -17.24
N ARG A 218 4.46 1.18 -16.29
CA ARG A 218 5.09 0.28 -15.33
C ARG A 218 5.74 -0.93 -16.00
N LEU A 219 5.04 -1.58 -16.92
CA LEU A 219 5.57 -2.76 -17.57
C LEU A 219 6.70 -2.48 -18.56
N SER A 220 6.79 -1.24 -19.05
CA SER A 220 7.84 -0.88 -20.01
C SER A 220 9.15 -0.58 -19.28
N GLN A 221 9.04 -0.10 -18.05
CA GLN A 221 10.21 0.19 -17.24
C GLN A 221 10.84 -1.16 -16.89
N ARG A 222 9.98 -2.10 -16.51
CA ARG A 222 10.42 -3.43 -16.13
C ARG A 222 10.87 -4.34 -17.26
N PHE A 223 10.18 -4.32 -18.40
CA PHE A 223 10.58 -5.15 -19.53
C PHE A 223 10.94 -4.31 -20.73
N PRO A 224 11.98 -3.47 -20.61
CA PRO A 224 12.38 -2.62 -21.72
C PRO A 224 12.72 -3.32 -23.05
N LYS A 225 13.19 -4.56 -23.00
CA LYS A 225 13.55 -5.27 -24.22
C LYS A 225 12.36 -5.90 -24.93
N ALA A 226 11.21 -5.92 -24.26
CA ALA A 226 10.01 -6.51 -24.85
C ALA A 226 9.45 -5.58 -25.94
N GLU A 227 8.74 -6.16 -26.89
CA GLU A 227 8.12 -5.43 -27.99
C GLU A 227 6.85 -4.73 -27.51
N PHE A 228 6.51 -3.62 -28.15
CA PHE A 228 5.32 -2.87 -27.77
C PHE A 228 4.06 -3.70 -27.88
N ALA A 229 3.97 -4.52 -28.92
CA ALA A 229 2.81 -5.36 -29.14
C ALA A 229 2.69 -6.39 -28.01
N GLU A 230 3.82 -6.81 -27.48
CA GLU A 230 3.82 -7.77 -26.40
C GLU A 230 3.41 -7.07 -25.10
N VAL A 231 3.88 -5.84 -24.94
CA VAL A 231 3.54 -5.06 -23.77
C VAL A 231 2.04 -4.77 -23.76
N SER A 232 1.47 -4.51 -24.93
CA SER A 232 0.05 -4.23 -25.07
C SER A 232 -0.77 -5.46 -24.75
N LYS A 233 -0.27 -6.63 -25.16
CA LYS A 233 -0.95 -7.88 -24.89
C LYS A 233 -1.08 -8.02 -23.37
N LEU A 234 0.05 -7.90 -22.69
CA LEU A 234 0.13 -8.01 -21.24
C LEU A 234 -0.74 -7.01 -20.48
N VAL A 235 -0.75 -5.76 -20.93
CA VAL A 235 -1.55 -4.72 -20.31
C VAL A 235 -3.03 -5.06 -20.43
N THR A 236 -3.42 -5.64 -21.58
CA THR A 236 -4.81 -6.03 -21.78
C THR A 236 -5.21 -7.14 -20.79
N ASP A 237 -4.44 -8.22 -20.77
CA ASP A 237 -4.73 -9.32 -19.85
C ASP A 237 -4.69 -8.82 -18.39
N LEU A 238 -3.69 -8.00 -18.08
CA LEU A 238 -3.54 -7.46 -16.73
C LEU A 238 -4.74 -6.63 -16.28
N THR A 239 -5.33 -5.88 -17.21
CA THR A 239 -6.49 -5.08 -16.88
C THR A 239 -7.67 -6.00 -16.58
N LYS A 240 -7.84 -7.03 -17.40
CA LYS A 240 -8.93 -7.98 -17.18
C LYS A 240 -8.74 -8.65 -15.82
N VAL A 241 -7.53 -9.11 -15.56
CA VAL A 241 -7.23 -9.77 -14.28
C VAL A 241 -7.60 -8.93 -13.07
N HIS A 242 -7.20 -7.66 -13.04
CA HIS A 242 -7.51 -6.81 -11.90
C HIS A 242 -8.97 -6.38 -11.78
N THR A 243 -9.66 -6.29 -12.92
CA THR A 243 -11.08 -5.96 -12.95
C THR A 243 -11.82 -7.09 -12.23
N GLU A 244 -11.48 -8.32 -12.60
CA GLU A 244 -12.10 -9.48 -11.99
C GLU A 244 -11.70 -9.64 -10.53
N CYS A 245 -10.40 -9.51 -10.22
CA CYS A 245 -9.96 -9.64 -8.83
C CYS A 245 -10.58 -8.58 -7.93
N CYS A 246 -10.86 -7.41 -8.49
CA CYS A 246 -11.47 -6.34 -7.72
C CYS A 246 -12.95 -6.61 -7.45
N HIS A 247 -13.59 -7.40 -8.32
CA HIS A 247 -14.98 -7.76 -8.11
C HIS A 247 -15.03 -8.62 -6.83
N GLY A 248 -13.92 -9.27 -6.51
CA GLY A 248 -13.86 -10.05 -5.28
C GLY A 248 -13.93 -11.57 -5.29
N ASP A 249 -14.23 -12.18 -6.44
CA ASP A 249 -14.31 -13.64 -6.50
C ASP A 249 -12.92 -14.26 -6.51
N LEU A 250 -12.53 -14.89 -5.39
CA LEU A 250 -11.22 -15.53 -5.27
C LEU A 250 -10.89 -16.53 -6.37
N LEU A 251 -11.79 -17.47 -6.64
CA LEU A 251 -11.53 -18.48 -7.65
C LEU A 251 -11.26 -17.92 -9.03
N GLU A 252 -12.10 -16.98 -9.45
CA GLU A 252 -11.94 -16.36 -10.76
C GLU A 252 -10.62 -15.62 -10.81
N CYS A 253 -10.38 -14.80 -9.78
CA CYS A 253 -9.16 -14.03 -9.65
C CYS A 253 -7.91 -14.91 -9.74
N ALA A 254 -7.91 -16.01 -9.00
CA ALA A 254 -6.79 -16.93 -8.95
C ALA A 254 -6.49 -17.60 -10.29
N ASP A 255 -7.54 -18.05 -10.96
CA ASP A 255 -7.36 -18.68 -12.26
C ASP A 255 -6.82 -17.71 -13.30
N ASP A 256 -7.31 -16.48 -13.28
CA ASP A 256 -6.85 -15.49 -14.25
C ASP A 256 -5.38 -15.18 -14.01
N ARG A 257 -5.01 -14.99 -12.75
CA ARG A 257 -3.64 -14.70 -12.42
C ARG A 257 -2.72 -15.84 -12.84
N ALA A 258 -3.11 -17.07 -12.52
CA ALA A 258 -2.33 -18.25 -12.87
C ALA A 258 -2.13 -18.33 -14.38
N ASP A 259 -3.21 -18.14 -15.12
CA ASP A 259 -3.13 -18.19 -16.58
C ASP A 259 -2.14 -17.16 -17.09
N LEU A 260 -2.19 -15.96 -16.52
CA LEU A 260 -1.30 -14.91 -16.95
C LEU A 260 0.15 -15.24 -16.59
N ALA A 261 0.36 -15.80 -15.41
CA ALA A 261 1.71 -16.15 -14.98
C ALA A 261 2.33 -17.19 -15.91
N LYS A 262 1.53 -18.14 -16.37
CA LYS A 262 2.08 -19.18 -17.25
C LYS A 262 2.31 -18.61 -18.63
N TYR A 263 1.42 -17.73 -19.08
CA TYR A 263 1.59 -17.11 -20.38
C TYR A 263 2.95 -16.40 -20.38
N ILE A 264 3.24 -15.70 -19.29
CA ILE A 264 4.49 -14.97 -19.17
C ILE A 264 5.71 -15.89 -19.14
N CYS A 265 5.61 -17.00 -18.44
CA CYS A 265 6.73 -17.94 -18.36
C CYS A 265 7.00 -18.64 -19.67
N GLU A 266 5.93 -18.96 -20.41
CA GLU A 266 6.07 -19.63 -21.68
C GLU A 266 6.71 -18.72 -22.72
N ASN A 267 6.53 -17.41 -22.58
CA ASN A 267 7.11 -16.46 -23.52
C ASN A 267 8.20 -15.64 -22.88
N GLN A 268 8.74 -16.19 -21.80
CA GLN A 268 9.81 -15.63 -21.02
C GLN A 268 10.91 -14.93 -21.83
N ASP A 269 11.57 -15.69 -22.70
CA ASP A 269 12.67 -15.17 -23.53
C ASP A 269 12.28 -13.93 -24.33
N SER A 270 11.00 -13.84 -24.67
CA SER A 270 10.46 -12.73 -25.43
C SER A 270 10.00 -11.56 -24.55
N ILE A 271 10.28 -11.64 -23.25
CA ILE A 271 9.85 -10.59 -22.33
C ILE A 271 10.94 -9.99 -21.45
N SER A 272 11.66 -10.86 -20.72
CA SER A 272 12.72 -10.41 -19.82
C SER A 272 13.58 -11.59 -19.38
N SER A 273 14.87 -11.33 -19.19
CA SER A 273 15.80 -12.37 -18.77
C SER A 273 15.85 -12.46 -17.25
N LYS A 274 15.01 -11.69 -16.59
CA LYS A 274 14.98 -11.67 -15.14
C LYS A 274 13.88 -12.55 -14.56
N LEU A 275 13.07 -13.16 -15.42
CA LEU A 275 11.96 -13.99 -14.98
C LEU A 275 12.29 -15.45 -14.70
N LYS A 276 13.53 -15.86 -14.99
CA LYS A 276 13.98 -17.24 -14.79
C LYS A 276 13.61 -17.86 -13.44
N GLU A 277 14.02 -17.22 -12.34
CA GLU A 277 13.71 -17.73 -11.01
C GLU A 277 12.21 -17.91 -10.83
N CYS A 278 11.51 -16.77 -10.86
CA CYS A 278 10.07 -16.74 -10.71
C CYS A 278 9.34 -17.85 -11.44
N CYS A 279 9.82 -18.18 -12.64
CA CYS A 279 9.16 -19.21 -13.43
C CYS A 279 9.48 -20.65 -13.05
N GLU A 280 10.42 -20.82 -12.12
CA GLU A 280 10.76 -22.17 -11.66
C GLU A 280 10.12 -22.43 -10.30
N LYS A 281 9.43 -21.41 -9.77
CA LYS A 281 8.77 -21.56 -8.47
C LYS A 281 7.42 -22.26 -8.60
N PRO A 282 6.92 -22.81 -7.48
CA PRO A 282 5.62 -23.51 -7.48
C PRO A 282 4.44 -22.59 -7.81
N LEU A 283 3.40 -23.19 -8.35
CA LEU A 283 2.18 -22.48 -8.75
C LEU A 283 1.79 -21.33 -7.86
N LEU A 284 1.81 -21.57 -6.56
CA LEU A 284 1.42 -20.59 -5.58
C LEU A 284 2.25 -19.31 -5.54
N GLU A 285 3.55 -19.41 -5.76
CA GLU A 285 4.44 -18.25 -5.71
C GLU A 285 4.73 -17.55 -7.03
N LYS A 286 4.50 -18.22 -8.15
CA LYS A 286 4.79 -17.66 -9.47
C LYS A 286 4.37 -16.20 -9.67
N SER A 287 3.06 -15.97 -9.71
CA SER A 287 2.52 -14.64 -9.93
C SER A 287 3.07 -13.59 -8.96
N HIS A 288 3.17 -13.96 -7.69
CA HIS A 288 3.67 -13.04 -6.66
C HIS A 288 5.08 -12.61 -7.01
N CYS A 289 5.93 -13.60 -7.33
CA CYS A 289 7.33 -13.35 -7.69
C CYS A 289 7.43 -12.43 -8.91
N ILE A 290 6.72 -12.78 -9.98
CA ILE A 290 6.75 -11.97 -11.19
C ILE A 290 6.34 -10.53 -10.88
N ALA A 291 5.34 -10.38 -10.03
CA ALA A 291 4.83 -9.06 -9.66
C ALA A 291 5.89 -8.20 -8.98
N GLU A 292 6.97 -8.82 -8.52
CA GLU A 292 8.05 -8.07 -7.86
C GLU A 292 9.39 -8.16 -8.59
N VAL A 293 9.41 -8.80 -9.74
CA VAL A 293 10.65 -8.95 -10.49
C VAL A 293 11.33 -7.61 -10.73
N GLU A 294 12.66 -7.62 -10.69
CA GLU A 294 13.41 -6.40 -10.90
C GLU A 294 13.46 -6.04 -12.38
N ASN A 295 13.69 -4.77 -12.67
CA ASN A 295 13.76 -4.28 -14.04
C ASN A 295 14.87 -4.97 -14.84
N ASP A 296 14.54 -5.39 -16.06
CA ASP A 296 15.53 -6.01 -16.91
C ASP A 296 16.37 -4.83 -17.41
N GLU A 297 17.56 -5.09 -17.89
CA GLU A 297 18.41 -4.01 -18.36
C GLU A 297 17.99 -3.57 -19.76
N MET A 298 18.10 -2.28 -20.03
CA MET A 298 17.70 -1.75 -21.34
C MET A 298 18.75 -1.96 -22.41
N PRO A 299 18.32 -2.07 -23.68
CA PRO A 299 19.14 -2.27 -24.88
C PRO A 299 20.40 -1.40 -25.01
N ALA A 300 20.39 -0.23 -24.38
CA ALA A 300 21.53 0.68 -24.43
C ALA A 300 21.80 1.27 -25.82
N ASP A 301 21.45 0.52 -26.86
CA ASP A 301 21.63 1.01 -28.23
C ASP A 301 20.27 1.38 -28.80
N LEU A 302 19.57 2.28 -28.10
CA LEU A 302 18.24 2.71 -28.52
C LEU A 302 18.23 4.06 -29.22
N PRO A 303 17.37 4.21 -30.23
CA PRO A 303 17.23 5.45 -31.00
C PRO A 303 16.87 6.62 -30.10
N SER A 304 16.68 7.79 -30.70
CA SER A 304 16.31 8.99 -29.96
C SER A 304 14.82 9.21 -30.08
N LEU A 305 14.15 9.51 -28.96
CA LEU A 305 12.72 9.73 -28.99
C LEU A 305 12.34 10.87 -29.93
N ALA A 306 13.18 11.91 -29.93
CA ALA A 306 12.92 13.09 -30.77
C ALA A 306 12.59 12.75 -32.22
N ALA A 307 13.25 11.72 -32.76
CA ALA A 307 13.02 11.31 -34.13
C ALA A 307 11.54 11.05 -34.41
N ASP A 308 11.03 9.93 -33.90
CA ASP A 308 9.63 9.55 -34.12
C ASP A 308 8.56 10.39 -33.46
N PHE A 309 8.90 11.19 -32.46
CA PHE A 309 7.85 11.96 -31.79
C PHE A 309 7.89 13.49 -31.91
N VAL A 310 8.97 14.04 -32.45
CA VAL A 310 9.05 15.49 -32.60
C VAL A 310 9.48 15.91 -34.00
N GLU A 311 10.64 15.40 -34.41
CA GLU A 311 11.21 15.71 -35.71
C GLU A 311 10.47 15.09 -36.89
N SER A 312 10.01 13.85 -36.71
CA SER A 312 9.31 13.16 -37.77
C SER A 312 8.11 13.92 -38.32
N LYS A 313 7.83 13.67 -39.60
CA LYS A 313 6.68 14.26 -40.27
C LYS A 313 5.69 13.10 -40.19
N ASP A 314 4.40 13.41 -40.20
CA ASP A 314 3.38 12.37 -40.09
C ASP A 314 3.12 12.01 -38.63
N VAL A 315 3.61 12.85 -37.71
CA VAL A 315 3.38 12.61 -36.30
C VAL A 315 1.88 12.76 -36.08
N CYS A 316 1.35 13.88 -36.54
CA CYS A 316 -0.07 14.18 -36.43
C CYS A 316 -0.89 13.14 -37.17
N LYS A 317 -0.35 12.62 -38.26
CA LYS A 317 -1.04 11.62 -39.05
C LYS A 317 -1.12 10.27 -38.32
N ASN A 318 -0.01 9.87 -37.72
CA ASN A 318 0.03 8.62 -36.98
C ASN A 318 -0.83 8.73 -35.73
N TYR A 319 -0.85 9.93 -35.16
CA TYR A 319 -1.62 10.20 -33.94
C TYR A 319 -3.12 10.20 -34.20
N ALA A 320 -3.54 10.87 -35.27
CA ALA A 320 -4.96 10.94 -35.61
C ALA A 320 -5.50 9.57 -35.96
N GLU A 321 -4.66 8.76 -36.61
CA GLU A 321 -5.02 7.41 -37.02
C GLU A 321 -5.42 6.49 -35.85
N ALA A 322 -4.81 6.69 -34.70
CA ALA A 322 -5.09 5.89 -33.49
C ALA A 322 -4.42 6.58 -32.32
N LYS A 323 -5.12 7.56 -31.75
CA LYS A 323 -4.61 8.34 -30.64
C LYS A 323 -4.03 7.56 -29.47
N ASP A 324 -4.84 6.71 -28.83
CA ASP A 324 -4.36 5.94 -27.71
C ASP A 324 -3.20 5.02 -28.04
N VAL A 325 -3.20 4.42 -29.22
CA VAL A 325 -2.11 3.52 -29.57
C VAL A 325 -0.82 4.35 -29.70
N PHE A 326 -0.91 5.48 -30.40
CA PHE A 326 0.27 6.32 -30.57
C PHE A 326 0.76 6.82 -29.21
N LEU A 327 -0.14 7.30 -28.37
CA LEU A 327 0.24 7.78 -27.04
C LEU A 327 0.82 6.63 -26.21
N GLY A 328 0.27 5.44 -26.38
CA GLY A 328 0.78 4.29 -25.66
C GLY A 328 2.20 4.01 -26.11
N MET A 329 2.43 4.12 -27.41
CA MET A 329 3.75 3.88 -27.99
C MET A 329 4.75 4.87 -27.39
N PHE A 330 4.30 6.10 -27.24
CA PHE A 330 5.10 7.17 -26.66
C PHE A 330 5.45 6.83 -25.20
N LEU A 331 4.46 6.35 -24.46
CA LEU A 331 4.66 5.98 -23.05
C LEU A 331 5.68 4.86 -22.97
N TYR A 332 5.46 3.86 -23.81
CA TYR A 332 6.32 2.69 -23.88
C TYR A 332 7.77 3.13 -24.11
N GLU A 333 7.98 3.90 -25.17
CA GLU A 333 9.31 4.36 -25.53
C GLU A 333 9.96 5.20 -24.45
N TYR A 334 9.17 6.09 -23.86
CA TYR A 334 9.70 6.94 -22.81
C TYR A 334 9.99 6.16 -21.52
N ALA A 335 9.05 5.32 -21.10
CA ALA A 335 9.25 4.57 -19.85
C ALA A 335 10.39 3.57 -19.91
N ARG A 336 10.59 2.90 -21.04
CA ARG A 336 11.68 1.94 -21.05
C ARG A 336 13.07 2.56 -21.01
N ARG A 337 13.14 3.87 -21.23
CA ARG A 337 14.44 4.54 -21.18
C ARG A 337 14.59 5.23 -19.85
N HIS A 338 13.54 5.19 -19.03
CA HIS A 338 13.55 5.86 -17.74
C HIS A 338 12.95 5.07 -16.59
N PRO A 339 13.71 4.10 -16.06
CA PRO A 339 13.28 3.25 -14.95
C PRO A 339 13.43 4.07 -13.67
N ASP A 340 14.18 5.17 -13.77
CA ASP A 340 14.42 6.05 -12.65
C ASP A 340 13.28 7.02 -12.38
N TYR A 341 12.30 7.05 -13.27
CA TYR A 341 11.15 7.92 -13.08
C TYR A 341 10.03 7.17 -12.34
N SER A 342 9.17 7.92 -11.68
CA SER A 342 8.02 7.31 -11.03
C SER A 342 7.06 7.11 -12.20
N VAL A 343 6.08 6.23 -12.05
CA VAL A 343 5.13 6.01 -13.13
C VAL A 343 4.28 7.27 -13.34
N VAL A 344 3.88 7.92 -12.25
CA VAL A 344 3.06 9.10 -12.36
C VAL A 344 3.77 10.26 -13.08
N LEU A 345 5.09 10.30 -13.01
CA LEU A 345 5.83 11.36 -13.72
C LEU A 345 5.69 11.07 -15.20
N LEU A 346 5.86 9.81 -15.58
CA LEU A 346 5.74 9.42 -16.97
C LEU A 346 4.36 9.78 -17.50
N LEU A 347 3.33 9.59 -16.66
CA LEU A 347 1.96 9.90 -17.06
C LEU A 347 1.78 11.40 -17.26
N ARG A 348 2.47 12.22 -16.47
CA ARG A 348 2.39 13.67 -16.64
C ARG A 348 3.00 14.03 -18.01
N LEU A 349 4.11 13.38 -18.34
CA LEU A 349 4.76 13.65 -19.61
C LEU A 349 3.82 13.29 -20.75
N ALA A 350 3.17 12.13 -20.64
CA ALA A 350 2.23 11.67 -21.64
C ALA A 350 1.03 12.61 -21.76
N LYS A 351 0.48 13.03 -20.64
CA LYS A 351 -0.66 13.95 -20.66
C LYS A 351 -0.23 15.26 -21.32
N THR A 352 1.00 15.70 -21.04
CA THR A 352 1.55 16.93 -21.62
C THR A 352 1.79 16.78 -23.13
N TYR A 353 2.22 15.60 -23.56
CA TYR A 353 2.46 15.38 -24.99
C TYR A 353 1.14 15.31 -25.74
N GLU A 354 0.11 14.81 -25.07
CA GLU A 354 -1.24 14.68 -25.64
C GLU A 354 -1.91 16.05 -25.80
N THR A 355 -1.81 16.86 -24.76
CA THR A 355 -2.41 18.19 -24.78
C THR A 355 -1.77 19.05 -25.86
N THR A 356 -0.50 18.78 -26.14
CA THR A 356 0.22 19.53 -27.15
C THR A 356 -0.14 19.11 -28.56
N LEU A 357 -0.29 17.80 -28.80
CA LEU A 357 -0.66 17.35 -30.12
C LEU A 357 -2.09 17.78 -30.45
N GLU A 358 -2.97 17.73 -29.46
CA GLU A 358 -4.36 18.13 -29.66
C GLU A 358 -4.46 19.57 -30.12
N LYS A 359 -3.61 20.42 -29.57
CA LYS A 359 -3.60 21.83 -29.95
C LYS A 359 -2.84 22.02 -31.26
N CYS A 360 -1.64 21.47 -31.30
CA CYS A 360 -0.77 21.59 -32.46
C CYS A 360 -1.17 20.90 -33.76
N CYS A 361 -1.81 19.76 -33.70
CA CYS A 361 -2.20 19.05 -34.91
C CYS A 361 -3.37 19.72 -35.64
N ALA A 362 -3.94 20.73 -35.01
CA ALA A 362 -5.06 21.46 -35.58
C ALA A 362 -4.61 22.80 -36.15
N ALA A 363 -3.29 22.98 -36.24
CA ALA A 363 -2.73 24.23 -36.74
C ALA A 363 -2.01 24.07 -38.08
N ALA A 364 -1.89 25.19 -38.80
CA ALA A 364 -1.25 25.27 -40.10
C ALA A 364 -0.01 24.38 -40.24
N ASP A 365 1.08 24.79 -39.60
CA ASP A 365 2.32 24.02 -39.65
C ASP A 365 2.51 23.32 -38.31
N PRO A 366 2.04 22.07 -38.20
CA PRO A 366 2.16 21.28 -36.98
C PRO A 366 3.56 21.31 -36.37
N HIS A 367 4.53 20.82 -37.13
CA HIS A 367 5.91 20.74 -36.68
C HIS A 367 6.38 21.97 -35.89
N GLU A 368 6.11 23.16 -36.42
CA GLU A 368 6.52 24.38 -35.74
C GLU A 368 5.95 24.51 -34.34
N CYS A 369 4.63 24.26 -34.24
CA CYS A 369 3.89 24.35 -33.00
C CYS A 369 4.35 23.40 -31.90
N TYR A 370 4.52 22.12 -32.24
CA TYR A 370 4.93 21.12 -31.25
C TYR A 370 6.42 20.79 -31.28
N ALA A 371 7.21 21.60 -31.98
CA ALA A 371 8.63 21.38 -32.10
C ALA A 371 9.40 21.49 -30.78
N LYS A 372 8.86 22.22 -29.82
CA LYS A 372 9.52 22.40 -28.53
C LYS A 372 8.89 21.65 -27.37
N VAL A 373 8.17 20.56 -27.66
CA VAL A 373 7.51 19.80 -26.60
C VAL A 373 8.46 19.33 -25.50
N PHE A 374 9.58 18.75 -25.89
CA PHE A 374 10.54 18.26 -24.92
C PHE A 374 11.04 19.30 -23.91
N ASP A 375 10.87 20.59 -24.23
CA ASP A 375 11.31 21.64 -23.33
C ASP A 375 10.30 21.81 -22.20
N GLU A 376 9.08 21.36 -22.44
CA GLU A 376 8.03 21.44 -21.42
C GLU A 376 8.21 20.31 -20.42
N PHE A 377 8.92 19.27 -20.84
CA PHE A 377 9.15 18.12 -19.97
C PHE A 377 10.13 18.41 -18.85
N LYS A 378 11.20 19.14 -19.16
CA LYS A 378 12.24 19.45 -18.18
C LYS A 378 11.74 19.91 -16.82
N PRO A 379 10.90 20.96 -16.78
CA PRO A 379 10.43 21.41 -15.47
C PRO A 379 9.61 20.34 -14.74
N LEU A 380 8.89 19.50 -15.49
CA LEU A 380 8.10 18.44 -14.87
C LEU A 380 9.00 17.42 -14.21
N VAL A 381 10.10 17.08 -14.88
CA VAL A 381 11.06 16.13 -14.37
C VAL A 381 11.76 16.63 -13.12
N GLU A 382 12.40 17.79 -13.22
CA GLU A 382 13.14 18.40 -12.11
C GLU A 382 12.41 18.54 -10.78
N GLU A 383 11.12 18.86 -10.84
CA GLU A 383 10.32 19.06 -9.64
C GLU A 383 10.45 17.89 -8.65
N PRO A 384 10.08 16.67 -9.05
CA PRO A 384 10.22 15.58 -8.07
C PRO A 384 11.68 15.33 -7.72
N GLN A 385 12.58 15.47 -8.69
CA GLN A 385 14.00 15.26 -8.45
C GLN A 385 14.56 16.21 -7.40
N ASN A 386 14.19 17.49 -7.47
CA ASN A 386 14.67 18.45 -6.49
C ASN A 386 14.15 18.12 -5.11
N LEU A 387 12.86 17.78 -5.04
CA LEU A 387 12.25 17.43 -3.76
C LEU A 387 12.96 16.25 -3.11
N ILE A 388 13.40 15.29 -3.93
CA ILE A 388 14.10 14.11 -3.42
C ILE A 388 15.43 14.48 -2.75
N LYS A 389 16.31 15.12 -3.51
CA LYS A 389 17.61 15.51 -3.00
C LYS A 389 17.44 16.40 -1.76
N GLN A 390 16.68 17.46 -1.92
CA GLN A 390 16.42 18.41 -0.85
C GLN A 390 15.94 17.75 0.45
N ASN A 391 15.02 16.79 0.36
CA ASN A 391 14.50 16.12 1.55
C ASN A 391 15.42 15.04 2.08
N CYS A 392 16.08 14.33 1.18
CA CYS A 392 16.96 13.26 1.60
C CYS A 392 18.20 13.83 2.28
N GLU A 393 18.66 14.98 1.82
CA GLU A 393 19.84 15.61 2.41
C GLU A 393 19.49 16.00 3.84
N LEU A 394 18.35 16.66 3.98
CA LEU A 394 17.87 17.10 5.27
C LEU A 394 17.76 15.88 6.19
N PHE A 395 17.13 14.83 5.69
CA PHE A 395 16.98 13.62 6.48
C PHE A 395 18.35 13.13 6.93
N GLU A 396 19.38 13.45 6.14
CA GLU A 396 20.75 13.07 6.45
C GLU A 396 21.32 13.91 7.58
N GLN A 397 21.13 15.23 7.50
CA GLN A 397 21.61 16.14 8.52
C GLN A 397 20.99 15.71 9.85
N LEU A 398 19.67 15.76 9.91
CA LEU A 398 18.92 15.37 11.10
C LEU A 398 18.84 13.86 11.03
N GLY A 399 18.11 13.25 11.95
CA GLY A 399 17.95 11.81 11.91
C GLY A 399 16.49 11.55 11.60
N GLU A 400 16.05 10.30 11.64
CA GLU A 400 14.65 10.02 11.35
C GLU A 400 13.72 10.81 12.28
N TYR A 401 14.03 10.82 13.58
CA TYR A 401 13.22 11.51 14.57
C TYR A 401 13.11 13.02 14.39
N LYS A 402 14.25 13.70 14.31
CA LYS A 402 14.24 15.14 14.14
C LYS A 402 13.69 15.50 12.75
N PHE A 403 13.85 14.59 11.81
CA PHE A 403 13.35 14.82 10.46
C PHE A 403 11.82 14.81 10.54
N GLN A 404 11.27 13.89 11.33
CA GLN A 404 9.83 13.81 11.48
C GLN A 404 9.34 15.11 12.09
N ASN A 405 10.11 15.64 13.03
CA ASN A 405 9.73 16.89 13.69
C ASN A 405 9.74 18.06 12.72
N ALA A 406 10.69 18.06 11.80
CA ALA A 406 10.79 19.11 10.79
C ALA A 406 9.54 19.08 9.91
N LEU A 407 9.13 17.88 9.52
CA LEU A 407 7.94 17.71 8.69
C LEU A 407 6.70 18.09 9.45
N LEU A 408 6.73 17.82 10.76
CA LEU A 408 5.61 18.12 11.64
C LEU A 408 5.36 19.62 11.67
N VAL A 409 6.43 20.39 11.81
CA VAL A 409 6.27 21.84 11.83
C VAL A 409 5.80 22.34 10.48
N ARG A 410 6.36 21.78 9.41
CA ARG A 410 6.01 22.14 8.05
C ARG A 410 4.54 21.94 7.68
N TYR A 411 3.99 20.79 8.04
CA TYR A 411 2.60 20.49 7.68
C TYR A 411 1.53 21.05 8.60
N THR A 412 1.82 21.20 9.89
CA THR A 412 0.80 21.76 10.78
C THR A 412 0.54 23.20 10.29
N LYS A 413 1.59 23.86 9.84
CA LYS A 413 1.45 25.23 9.35
C LYS A 413 0.63 25.33 8.06
N LYS A 414 0.71 24.31 7.20
CA LYS A 414 -0.03 24.32 5.95
C LYS A 414 -1.50 23.98 6.14
N VAL A 415 -1.79 23.03 7.01
CA VAL A 415 -3.17 22.63 7.31
C VAL A 415 -3.36 22.47 8.82
N PRO A 416 -3.43 23.60 9.55
CA PRO A 416 -3.61 23.62 11.01
C PRO A 416 -4.96 23.04 11.46
N GLN A 417 -5.91 22.91 10.54
CA GLN A 417 -7.23 22.37 10.86
C GLN A 417 -7.19 20.88 11.18
N VAL A 418 -6.30 20.15 10.52
CA VAL A 418 -6.21 18.71 10.74
C VAL A 418 -6.04 18.34 12.20
N SER A 419 -6.57 17.19 12.57
CA SER A 419 -6.49 16.69 13.93
C SER A 419 -5.02 16.43 14.29
N THR A 420 -4.66 16.70 15.54
CA THR A 420 -3.30 16.49 16.02
C THR A 420 -2.81 15.04 15.90
N PRO A 421 -3.67 14.06 16.23
CA PRO A 421 -3.20 12.69 16.11
C PRO A 421 -2.97 12.30 14.64
N THR A 422 -3.75 12.89 13.73
CA THR A 422 -3.60 12.62 12.30
C THR A 422 -2.26 13.17 11.79
N LEU A 423 -1.94 14.40 12.18
CA LEU A 423 -0.71 15.05 11.77
C LEU A 423 0.53 14.28 12.22
N VAL A 424 0.49 13.79 13.45
CA VAL A 424 1.58 13.02 14.04
C VAL A 424 1.75 11.73 13.25
N GLU A 425 0.65 10.99 13.13
CA GLU A 425 0.63 9.74 12.38
C GLU A 425 1.21 9.93 10.96
N VAL A 426 0.67 10.91 10.24
CA VAL A 426 1.11 11.17 8.86
C VAL A 426 2.57 11.58 8.75
N SER A 427 3.02 12.49 9.63
CA SER A 427 4.39 12.94 9.59
C SER A 427 5.35 11.81 9.92
N ARG A 428 5.00 10.98 10.90
CA ARG A 428 5.86 9.87 11.25
C ARG A 428 6.00 8.91 10.06
N ASN A 429 4.90 8.65 9.35
CA ASN A 429 4.95 7.77 8.19
C ASN A 429 5.78 8.38 7.07
N LEU A 430 5.65 9.69 6.87
CA LEU A 430 6.41 10.37 5.85
C LEU A 430 7.87 10.24 6.23
N GLY A 431 8.15 10.41 7.52
CA GLY A 431 9.51 10.28 7.99
C GLY A 431 10.09 8.94 7.59
N LYS A 432 9.34 7.87 7.83
CA LYS A 432 9.81 6.53 7.49
C LYS A 432 10.08 6.36 6.00
N VAL A 433 9.27 7.00 5.16
CA VAL A 433 9.47 6.89 3.71
C VAL A 433 10.85 7.45 3.40
N GLY A 434 11.26 8.45 4.17
CA GLY A 434 12.56 9.05 3.99
C GLY A 434 13.72 8.12 4.35
N SER A 435 13.64 7.50 5.52
CA SER A 435 14.71 6.61 5.95
C SER A 435 14.75 5.32 5.15
N LYS A 436 13.68 5.06 4.42
CA LYS A 436 13.61 3.84 3.61
C LYS A 436 14.00 4.07 2.16
N CYS A 437 13.74 5.26 1.63
CA CYS A 437 14.06 5.52 0.24
C CYS A 437 15.34 6.29 0.03
N CYS A 438 15.68 7.16 0.97
CA CYS A 438 16.89 7.96 0.87
C CYS A 438 18.17 7.13 0.88
N LYS A 439 18.06 5.87 1.30
CA LYS A 439 19.23 5.01 1.34
C LYS A 439 19.55 4.44 -0.04
N HIS A 440 18.56 4.46 -0.93
CA HIS A 440 18.75 3.95 -2.29
C HIS A 440 19.56 4.96 -3.08
N PRO A 441 20.27 4.50 -4.13
CA PRO A 441 21.03 5.48 -4.89
C PRO A 441 20.01 6.29 -5.69
N GLU A 442 20.40 7.49 -6.10
CA GLU A 442 19.51 8.38 -6.83
C GLU A 442 18.63 7.70 -7.89
N ALA A 443 19.18 6.73 -8.61
CA ALA A 443 18.44 6.06 -9.67
C ALA A 443 17.19 5.27 -9.27
N LYS A 444 17.08 4.90 -8.01
CA LYS A 444 15.91 4.14 -7.58
C LYS A 444 15.04 4.85 -6.56
N ARG A 445 15.39 6.10 -6.25
CA ARG A 445 14.66 6.88 -5.27
C ARG A 445 13.22 7.27 -5.63
N MET A 446 13.03 7.87 -6.79
CA MET A 446 11.70 8.30 -7.19
C MET A 446 10.70 7.16 -7.23
N PRO A 447 11.08 6.01 -7.80
CA PRO A 447 10.12 4.90 -7.83
C PRO A 447 9.75 4.49 -6.41
N CYS A 448 10.76 4.45 -5.55
CA CYS A 448 10.60 4.09 -4.14
C CYS A 448 9.65 5.05 -3.42
N ALA A 449 9.91 6.35 -3.54
CA ALA A 449 9.06 7.34 -2.89
C ALA A 449 7.63 7.27 -3.41
N GLU A 450 7.47 7.10 -4.73
CA GLU A 450 6.14 7.02 -5.31
C GLU A 450 5.37 5.87 -4.70
N ASP A 451 6.02 4.73 -4.62
CA ASP A 451 5.38 3.55 -4.08
C ASP A 451 4.87 3.76 -2.66
N TYR A 452 5.70 4.33 -1.81
CA TYR A 452 5.31 4.55 -0.41
C TYR A 452 4.38 5.74 -0.20
N LEU A 453 4.61 6.82 -0.93
CA LEU A 453 3.79 8.00 -0.81
C LEU A 453 2.35 7.73 -1.26
N SER A 454 2.17 6.84 -2.24
CA SER A 454 0.84 6.52 -2.72
C SER A 454 -0.03 5.96 -1.59
N VAL A 455 0.53 5.11 -0.74
CA VAL A 455 -0.24 4.54 0.35
C VAL A 455 -0.47 5.54 1.48
N VAL A 456 0.58 6.24 1.88
CA VAL A 456 0.49 7.23 2.95
C VAL A 456 -0.53 8.33 2.58
N LEU A 457 -0.55 8.69 1.30
CA LEU A 457 -1.44 9.74 0.84
C LEU A 457 -2.87 9.24 0.77
N ASN A 458 -3.03 7.94 0.54
CA ASN A 458 -4.35 7.35 0.48
C ASN A 458 -4.92 7.16 1.89
N GLN A 459 -4.07 6.79 2.84
CA GLN A 459 -4.51 6.62 4.22
C GLN A 459 -4.97 7.99 4.70
N LEU A 460 -4.20 9.01 4.33
CA LEU A 460 -4.51 10.37 4.71
C LEU A 460 -5.86 10.81 4.16
N CYS A 461 -6.06 10.60 2.88
CA CYS A 461 -7.31 10.98 2.23
C CYS A 461 -8.53 10.24 2.77
N VAL A 462 -8.43 8.92 2.88
CA VAL A 462 -9.55 8.13 3.39
C VAL A 462 -10.04 8.70 4.72
N LEU A 463 -9.14 8.82 5.69
CA LEU A 463 -9.51 9.38 6.99
C LEU A 463 -10.27 10.69 6.78
N HIS A 464 -9.56 11.68 6.22
CA HIS A 464 -10.12 12.99 5.95
C HIS A 464 -11.48 12.91 5.29
N GLU A 465 -11.66 11.92 4.41
CA GLU A 465 -12.92 11.75 3.72
C GLU A 465 -14.02 11.58 4.77
N LYS A 466 -13.76 10.70 5.73
CA LYS A 466 -14.71 10.44 6.80
C LYS A 466 -15.10 11.76 7.45
N THR A 467 -14.17 12.35 8.19
CA THR A 467 -14.43 13.63 8.86
C THR A 467 -13.61 14.75 8.21
N PRO A 468 -14.07 15.23 7.05
CA PRO A 468 -13.39 16.31 6.31
C PRO A 468 -13.27 17.59 7.12
N VAL A 469 -12.12 18.27 6.97
CA VAL A 469 -11.87 19.50 7.70
C VAL A 469 -11.30 20.62 6.84
N SER A 470 -10.85 20.27 5.64
CA SER A 470 -10.26 21.26 4.75
C SER A 470 -10.59 21.02 3.27
N ASP A 471 -11.07 22.06 2.61
CA ASP A 471 -11.41 21.97 1.19
C ASP A 471 -10.13 21.69 0.40
N ARG A 472 -9.03 22.33 0.82
CA ARG A 472 -7.74 22.14 0.16
C ARG A 472 -7.32 20.68 0.16
N VAL A 473 -7.40 20.02 1.32
CA VAL A 473 -7.05 18.61 1.40
C VAL A 473 -8.03 17.82 0.54
N THR A 474 -9.31 18.16 0.64
CA THR A 474 -10.35 17.49 -0.14
C THR A 474 -10.00 17.64 -1.61
N LYS A 475 -9.61 18.86 -1.99
CA LYS A 475 -9.24 19.16 -3.37
C LYS A 475 -8.13 18.21 -3.83
N CYS A 476 -7.01 18.24 -3.13
CA CYS A 476 -5.89 17.38 -3.47
C CYS A 476 -6.28 15.92 -3.46
N CYS A 477 -7.23 15.56 -2.59
CA CYS A 477 -7.67 14.18 -2.48
C CYS A 477 -8.62 13.73 -3.58
N THR A 478 -9.31 14.67 -4.22
CA THR A 478 -10.26 14.29 -5.27
C THR A 478 -9.72 14.50 -6.69
N GLU A 479 -8.60 15.22 -6.80
CA GLU A 479 -8.00 15.47 -8.10
C GLU A 479 -7.52 14.13 -8.69
N SER A 480 -6.95 14.15 -9.89
CA SER A 480 -6.47 12.91 -10.49
C SER A 480 -5.27 12.37 -9.69
N LEU A 481 -5.09 11.05 -9.70
CA LEU A 481 -3.97 10.43 -8.98
C LEU A 481 -2.63 10.92 -9.51
N VAL A 482 -2.66 11.54 -10.69
CA VAL A 482 -1.43 12.05 -11.28
C VAL A 482 -1.06 13.38 -10.65
N ASN A 483 -2.07 14.16 -10.27
CA ASN A 483 -1.85 15.45 -9.66
C ASN A 483 -1.91 15.44 -8.14
N ARG A 484 -2.22 14.29 -7.56
CA ARG A 484 -2.35 14.20 -6.11
C ARG A 484 -1.13 14.67 -5.32
N ARG A 485 0.03 14.06 -5.54
CA ARG A 485 1.22 14.47 -4.81
C ARG A 485 1.58 15.93 -5.12
N PRO A 486 1.60 16.32 -6.41
CA PRO A 486 1.94 17.70 -6.75
C PRO A 486 1.07 18.70 -5.97
N CYS A 487 -0.23 18.44 -5.96
CA CYS A 487 -1.21 19.26 -5.27
C CYS A 487 -0.82 19.48 -3.80
N PHE A 488 -0.56 18.39 -3.07
CA PHE A 488 -0.16 18.51 -1.67
C PHE A 488 1.15 19.30 -1.53
N SER A 489 2.11 19.07 -2.44
CA SER A 489 3.39 19.78 -2.41
C SER A 489 3.20 21.28 -2.62
N ALA A 490 2.15 21.65 -3.33
CA ALA A 490 1.86 23.05 -3.60
C ALA A 490 1.09 23.78 -2.50
N LEU A 491 0.73 23.09 -1.43
CA LEU A 491 0.00 23.74 -0.35
C LEU A 491 0.90 24.76 0.32
N GLU A 492 0.36 25.92 0.65
CA GLU A 492 1.14 26.96 1.31
C GLU A 492 0.65 27.16 2.73
N VAL A 493 1.42 27.90 3.52
CA VAL A 493 1.05 28.18 4.89
C VAL A 493 -0.35 28.76 4.91
N ASP A 494 -1.12 28.43 5.95
CA ASP A 494 -2.48 28.94 6.04
C ASP A 494 -2.48 30.29 6.74
N GLU A 495 -2.67 31.36 5.97
CA GLU A 495 -2.68 32.71 6.50
C GLU A 495 -4.03 33.07 7.10
N THR A 496 -5.04 32.26 6.81
CA THR A 496 -6.38 32.51 7.31
C THR A 496 -6.61 31.94 8.71
N TYR A 497 -5.97 30.81 8.99
CA TYR A 497 -6.10 30.13 10.28
C TYR A 497 -5.97 31.05 11.50
N VAL A 498 -6.90 30.89 12.44
CA VAL A 498 -6.87 31.66 13.68
C VAL A 498 -6.33 30.74 14.77
N PRO A 499 -5.15 31.06 15.33
CA PRO A 499 -4.54 30.24 16.38
C PRO A 499 -5.49 29.84 17.51
N LYS A 500 -5.18 28.71 18.15
CA LYS A 500 -6.02 28.22 19.24
C LYS A 500 -5.53 28.78 20.57
N GLU A 501 -6.49 29.14 21.43
CA GLU A 501 -6.17 29.68 22.75
C GLU A 501 -5.21 28.81 23.53
N PHE A 502 -4.47 29.43 24.45
CA PHE A 502 -3.52 28.71 25.27
C PHE A 502 -4.26 27.71 26.14
N ASN A 503 -3.62 26.59 26.43
CA ASN A 503 -4.22 25.55 27.24
C ASN A 503 -3.14 24.97 28.15
N ALA A 504 -3.17 25.36 29.41
CA ALA A 504 -2.19 24.89 30.40
C ALA A 504 -2.00 23.40 30.33
N GLU A 505 -3.11 22.66 30.40
CA GLU A 505 -3.09 21.20 30.35
C GLU A 505 -2.19 20.69 29.25
N THR A 506 -2.57 20.99 28.01
CA THR A 506 -1.83 20.55 26.83
C THR A 506 -0.32 20.61 26.99
N PHE A 507 0.18 21.57 27.76
CA PHE A 507 1.62 21.72 27.94
C PHE A 507 2.13 21.34 29.33
N THR A 508 1.32 20.60 30.08
CA THR A 508 1.71 20.15 31.41
C THR A 508 2.38 18.79 31.24
N PHE A 509 3.50 18.58 31.93
CA PHE A 509 4.21 17.31 31.83
C PHE A 509 4.54 16.71 33.18
N HIS A 510 4.53 15.39 33.26
CA HIS A 510 4.84 14.69 34.50
C HIS A 510 6.07 13.80 34.32
N ALA A 511 6.38 13.00 35.34
CA ALA A 511 7.53 12.12 35.29
C ALA A 511 7.24 10.83 34.53
N ASP A 512 5.95 10.52 34.36
CA ASP A 512 5.55 9.31 33.65
C ASP A 512 6.13 9.25 32.25
N ILE A 513 6.64 10.38 31.76
CA ILE A 513 7.23 10.43 30.43
C ILE A 513 8.64 9.84 30.49
N CYS A 514 9.22 9.84 31.69
CA CYS A 514 10.56 9.30 31.88
C CYS A 514 10.50 7.78 31.81
N THR A 515 9.41 7.22 32.30
CA THR A 515 9.22 5.78 32.32
C THR A 515 8.52 5.22 31.08
N LEU A 516 8.46 6.02 30.02
CA LEU A 516 7.81 5.57 28.80
C LEU A 516 8.82 5.03 27.80
N SER A 517 8.35 4.23 26.86
CA SER A 517 9.20 3.65 25.82
C SER A 517 9.53 4.75 24.83
N GLU A 518 10.65 4.60 24.14
CA GLU A 518 11.08 5.59 23.15
C GLU A 518 9.95 6.08 22.25
N LYS A 519 9.32 5.16 21.54
CA LYS A 519 8.23 5.52 20.63
C LYS A 519 7.17 6.33 21.36
N GLU A 520 6.89 5.93 22.60
CA GLU A 520 5.89 6.61 23.41
C GLU A 520 6.29 8.03 23.80
N ARG A 521 7.56 8.20 24.12
CA ARG A 521 8.07 9.52 24.51
C ARG A 521 7.96 10.47 23.33
N GLN A 522 8.46 10.02 22.19
CA GLN A 522 8.45 10.78 20.94
C GLN A 522 7.05 11.25 20.59
N ILE A 523 6.10 10.31 20.59
CA ILE A 523 4.72 10.65 20.25
C ILE A 523 4.11 11.69 21.19
N LYS A 524 4.52 11.68 22.46
CA LYS A 524 4.00 12.65 23.41
C LYS A 524 4.63 14.00 23.13
N LYS A 525 5.92 14.02 22.84
CA LYS A 525 6.64 15.26 22.55
C LYS A 525 6.13 15.83 21.22
N GLN A 526 5.96 14.96 20.23
CA GLN A 526 5.49 15.38 18.92
C GLN A 526 4.07 15.92 18.98
N THR A 527 3.26 15.36 19.87
CA THR A 527 1.89 15.83 20.03
C THR A 527 1.94 17.26 20.57
N ALA A 528 2.85 17.49 21.51
CA ALA A 528 3.03 18.79 22.12
C ALA A 528 3.58 19.77 21.08
N LEU A 529 4.50 19.27 20.25
CA LEU A 529 5.10 20.10 19.21
C LEU A 529 4.04 20.59 18.23
N VAL A 530 3.08 19.73 17.89
CA VAL A 530 2.01 20.11 16.98
C VAL A 530 1.07 21.12 17.65
N GLU A 531 0.78 20.90 18.93
CA GLU A 531 -0.10 21.82 19.66
C GLU A 531 0.57 23.20 19.76
N LEU A 532 1.88 23.21 19.95
CA LEU A 532 2.62 24.48 20.04
C LEU A 532 2.43 25.29 18.74
N VAL A 533 2.69 24.65 17.60
CA VAL A 533 2.57 25.30 16.30
C VAL A 533 1.14 25.79 16.08
N LYS A 534 0.15 25.06 16.59
CA LYS A 534 -1.24 25.45 16.43
C LYS A 534 -1.61 26.67 17.28
N HIS A 535 -0.85 26.86 18.36
CA HIS A 535 -1.08 27.98 19.25
C HIS A 535 -0.31 29.20 18.77
N LYS A 536 0.92 28.96 18.29
CA LYS A 536 1.78 30.02 17.77
C LYS A 536 2.26 29.67 16.36
N PRO A 537 1.34 29.73 15.38
CA PRO A 537 1.63 29.41 13.98
C PRO A 537 2.65 30.32 13.31
N LYS A 538 2.70 31.57 13.77
CA LYS A 538 3.63 32.56 13.22
C LYS A 538 5.04 32.41 13.78
N ALA A 539 5.22 31.46 14.69
CA ALA A 539 6.53 31.23 15.29
C ALA A 539 7.54 30.86 14.21
N THR A 540 8.80 31.20 14.45
CA THR A 540 9.88 30.94 13.49
C THR A 540 10.66 29.64 13.75
N LYS A 541 11.38 29.19 12.73
CA LYS A 541 12.18 27.98 12.84
C LYS A 541 13.20 28.18 13.96
N GLU A 542 13.65 29.42 14.12
CA GLU A 542 14.61 29.75 15.17
C GLU A 542 13.92 29.78 16.52
N GLN A 543 12.83 30.53 16.62
CA GLN A 543 12.07 30.61 17.87
C GLN A 543 11.74 29.18 18.29
N LEU A 544 11.17 28.42 17.37
CA LEU A 544 10.78 27.04 17.61
C LEU A 544 11.94 26.16 18.06
N LYS A 545 13.08 26.29 17.39
CA LYS A 545 14.25 25.48 17.75
C LYS A 545 14.68 25.76 19.18
N ALA A 546 14.66 27.03 19.56
CA ALA A 546 15.06 27.44 20.89
C ALA A 546 14.14 26.83 21.95
N VAL A 547 12.84 26.84 21.68
CA VAL A 547 11.88 26.28 22.62
C VAL A 547 11.98 24.76 22.71
N MET A 548 12.18 24.11 21.57
CA MET A 548 12.31 22.65 21.56
C MET A 548 13.57 22.22 22.33
N ASP A 549 14.59 23.07 22.31
CA ASP A 549 15.85 22.77 23.00
C ASP A 549 15.69 22.96 24.51
N ASP A 550 14.97 23.99 24.91
CA ASP A 550 14.75 24.21 26.34
C ASP A 550 13.96 23.03 26.87
N PHE A 551 12.91 22.65 26.15
CA PHE A 551 12.08 21.53 26.55
C PHE A 551 12.97 20.31 26.72
N ALA A 552 13.92 20.16 25.80
CA ALA A 552 14.86 19.05 25.81
C ALA A 552 15.60 18.98 27.14
N ALA A 553 16.51 19.91 27.35
CA ALA A 553 17.30 19.97 28.57
C ALA A 553 16.41 19.82 29.80
N PHE A 554 15.24 20.44 29.73
CA PHE A 554 14.26 20.40 30.81
C PHE A 554 13.83 18.97 31.13
N VAL A 555 13.48 18.20 30.10
CA VAL A 555 13.05 16.82 30.29
C VAL A 555 14.18 15.95 30.84
N GLU A 556 15.39 16.17 30.35
CA GLU A 556 16.53 15.40 30.82
C GLU A 556 16.81 15.76 32.27
N LYS A 557 16.72 17.07 32.56
CA LYS A 557 16.95 17.57 33.91
C LYS A 557 15.97 16.99 34.94
N CYS A 558 14.68 17.02 34.61
CA CYS A 558 13.68 16.53 35.52
C CYS A 558 13.60 15.01 35.66
N CYS A 559 14.12 14.28 34.69
CA CYS A 559 14.12 12.82 34.75
C CYS A 559 15.41 12.34 35.38
N LYS A 560 16.34 13.27 35.59
CA LYS A 560 17.63 12.96 36.19
C LYS A 560 17.81 13.74 37.48
N ALA A 561 16.82 13.64 38.37
CA ALA A 561 16.88 14.34 39.64
C ALA A 561 16.50 13.43 40.80
N ASP A 562 17.11 13.68 41.95
CA ASP A 562 16.84 12.89 43.15
C ASP A 562 15.33 12.82 43.38
N ASP A 563 14.62 13.78 42.81
CA ASP A 563 13.17 13.84 42.94
C ASP A 563 12.53 14.41 41.68
N LYS A 564 11.58 13.66 41.12
CA LYS A 564 10.87 14.08 39.92
C LYS A 564 9.50 14.62 40.32
N GLU A 565 8.63 14.80 39.34
CA GLU A 565 7.27 15.30 39.56
C GLU A 565 7.28 16.74 40.08
N THR A 566 8.10 17.01 41.09
CA THR A 566 8.20 18.35 41.64
C THR A 566 8.95 19.17 40.60
N CYS A 567 10.06 18.62 40.12
CA CYS A 567 10.88 19.27 39.11
C CYS A 567 10.02 19.62 37.91
N PHE A 568 9.28 18.63 37.40
CA PHE A 568 8.41 18.84 36.25
C PHE A 568 7.38 19.93 36.52
N ALA A 569 6.82 19.96 37.72
CA ALA A 569 5.81 20.94 38.08
C ALA A 569 6.41 22.31 38.36
N GLU A 570 7.57 22.33 39.00
CA GLU A 570 8.23 23.60 39.33
C GLU A 570 8.95 24.17 38.11
N GLU A 571 9.80 23.35 37.50
CA GLU A 571 10.53 23.79 36.32
C GLU A 571 9.58 23.92 35.13
N GLY A 572 8.47 23.19 35.18
CA GLY A 572 7.48 23.26 34.12
C GLY A 572 6.82 24.62 34.11
N LYS A 573 6.62 25.18 35.30
CA LYS A 573 6.00 26.50 35.42
C LYS A 573 6.90 27.49 34.70
N LYS A 574 8.20 27.39 34.97
CA LYS A 574 9.19 28.26 34.34
C LYS A 574 9.11 28.15 32.82
N LEU A 575 9.57 27.02 32.30
CA LEU A 575 9.57 26.73 30.86
C LEU A 575 8.37 27.33 30.14
N VAL A 576 7.18 26.96 30.59
CA VAL A 576 5.95 27.46 29.99
C VAL A 576 5.88 28.99 29.96
N ALA A 577 6.14 29.61 31.09
CA ALA A 577 6.09 31.07 31.20
C ALA A 577 7.13 31.76 30.31
N ALA A 578 8.34 31.21 30.28
CA ALA A 578 9.41 31.78 29.47
C ALA A 578 9.08 31.64 27.98
N SER A 579 8.74 30.44 27.57
CA SER A 579 8.40 30.15 26.18
C SER A 579 7.35 31.13 25.68
N GLN A 580 6.32 31.34 26.50
CA GLN A 580 5.26 32.25 26.10
C GLN A 580 5.84 33.61 25.72
N ALA A 581 6.65 34.17 26.61
CA ALA A 581 7.27 35.47 26.39
C ALA A 581 8.15 35.49 25.13
N ALA A 582 9.01 34.50 24.98
CA ALA A 582 9.89 34.42 23.82
C ALA A 582 9.07 34.45 22.52
N LEU A 583 7.88 33.85 22.57
CA LEU A 583 7.01 33.81 21.40
C LEU A 583 6.04 34.99 21.48
C1 MYR B . 0.34 -6.50 15.48
O1 MYR B . 1.36 -6.98 14.94
O2 MYR B . 0.37 -5.44 16.16
C2 MYR B . -1.00 -7.21 15.29
C3 MYR B . -1.20 -8.24 16.40
C4 MYR B . -1.00 -9.59 15.72
C5 MYR B . 0.27 -10.27 16.21
C6 MYR B . 0.17 -11.77 16.07
C7 MYR B . 1.03 -12.30 14.94
C8 MYR B . 0.79 -13.78 14.70
C9 MYR B . 1.31 -14.20 13.34
C10 MYR B . 0.42 -15.25 12.68
C11 MYR B . -0.55 -14.61 11.70
C12 MYR B . -0.20 -14.95 10.26
C13 MYR B . -0.24 -13.70 9.38
C14 MYR B . -1.13 -13.91 8.19
C1 MYR C . -2.04 -16.81 -8.23
O1 MYR C . -1.04 -16.95 -8.95
O2 MYR C . -2.24 -15.76 -7.57
C2 MYR C . -3.06 -17.95 -8.15
C3 MYR C . -2.58 -19.07 -7.21
C4 MYR C . -3.70 -20.13 -7.21
C5 MYR C . -4.47 -20.12 -5.91
C6 MYR C . -5.52 -21.23 -5.83
C7 MYR C . -6.64 -20.86 -4.85
C8 MYR C . -7.61 -22.02 -4.65
C9 MYR C . -8.44 -21.82 -3.35
C10 MYR C . -9.30 -23.04 -3.03
C1 MYR D . 5.74 11.84 -8.05
O1 MYR D . 4.92 12.69 -7.64
O2 MYR D . 6.17 11.83 -9.22
C2 MYR D . 6.25 10.77 -7.09
C3 MYR D . 7.66 11.09 -6.59
C4 MYR D . 7.45 11.93 -5.33
C5 MYR D . 8.64 12.80 -5.04
C6 MYR D . 8.46 13.56 -3.75
C7 MYR D . 8.90 12.74 -2.55
C8 MYR D . 9.69 13.56 -1.56
C9 MYR D . 11.02 12.89 -1.27
C10 MYR D . 11.29 12.72 0.21
C11 MYR D . 10.62 11.48 0.78
C12 MYR D . 10.08 11.75 2.16
C13 MYR D . 8.71 12.41 2.11
C14 MYR D . 8.73 13.74 2.80
C1 MYR E . 5.97 18.34 0.23
O1 MYR E . 5.98 19.07 -0.78
O2 MYR E . 5.22 18.54 1.20
C2 MYR E . 6.90 17.13 0.27
C3 MYR E . 6.45 16.06 -0.73
C4 MYR E . 5.63 15.08 0.10
C5 MYR E . 4.14 15.19 -0.21
C6 MYR E . 3.33 14.76 0.98
C7 MYR E . 2.36 15.85 1.38
C8 MYR E . 1.56 15.42 2.59
C9 MYR E . 1.32 16.61 3.49
C10 MYR E . 0.57 16.20 4.73
C11 MYR E . -0.66 17.07 4.93
C12 MYR E . -1.11 17.05 6.39
C13 MYR E . -2.20 16.03 6.63
C14 MYR E . -3.54 16.52 6.13
C1 MYR F . 12.18 17.42 21.03
O1 MYR F . 13.20 17.99 21.46
O2 MYR F . 12.11 16.18 20.90
C2 MYR F . 10.96 18.27 20.63
C3 MYR F . 10.55 19.20 21.77
C4 MYR F . 9.10 18.86 22.02
C5 MYR F . 8.21 20.08 21.84
C6 MYR F . 7.49 20.45 23.13
C7 MYR F . 7.16 21.94 23.15
C8 MYR F . 6.45 22.34 24.43
C9 MYR F . 7.10 23.54 25.07
C1 MYR G . -5.08 10.83 -16.69
O1 MYR G . -5.62 10.47 -15.62
O2 MYR G . -4.96 12.03 -17.03
C2 MYR G . -4.55 9.74 -17.62
C3 MYR G . -3.04 9.88 -17.79
C4 MYR G . -2.71 9.04 -19.02
C5 MYR G . -1.96 9.83 -20.08
C6 MYR G . -2.57 9.62 -21.46
C7 MYR G . -1.91 8.44 -22.19
C8 MYR G . -2.95 7.42 -22.64
C9 MYR G . -2.27 6.26 -23.35
C10 MYR G . -3.24 5.10 -23.52
C11 MYR G . -2.59 3.79 -23.11
C12 MYR G . -3.37 2.61 -23.63
C13 MYR G . -2.63 1.89 -24.75
C14 MYR G . -3.03 0.45 -24.81
C1 MYR H . -1.23 2.90 -7.40
C2 MYR H . -1.66 1.84 -8.42
C3 MYR H . -3.02 2.31 -8.92
C4 MYR H . -3.02 2.55 -10.42
C5 MYR H . -3.43 3.97 -10.75
C6 MYR H . -3.96 4.09 -12.16
C7 MYR H . -4.86 5.30 -12.33
C8 MYR H . -4.19 6.38 -13.16
C9 MYR H . -4.04 7.67 -12.36
C16 P1Z I . -0.84 -12.17 -12.63
C17 P1Z I . -0.60 -10.78 -12.54
C12 P1Z I . 0.72 -10.28 -12.48
C13 P1Z I . 1.81 -11.20 -12.49
C14 P1Z I . 1.55 -12.59 -12.58
C15 P1Z I . 0.24 -13.06 -12.65
C8 P1Z I . 4.23 -8.50 -15.95
C9 P1Z I . 3.26 -8.44 -16.96
C10 P1Z I . 1.90 -8.32 -16.62
C11 P1Z I . 1.51 -8.26 -15.25
C6 P1Z I . 2.50 -8.31 -14.24
C7 P1Z I . 3.87 -8.44 -14.59
C21 P1Z I . -1.45 -3.51 -11.17
C20 P1Z I . -0.44 -3.98 -10.17
C19 P1Z I . 0.76 -4.57 -10.75
C18 P1Z I . 1.23 -5.91 -10.08
N2 P1Z I . 0.92 -8.85 -12.40
C3 P1Z I . 0.42 -8.02 -11.32
C4 P1Z I . 1.34 -7.01 -11.11
C5 P1Z I . 2.41 -7.13 -11.99
N1 P1Z I . 2.18 -8.28 -12.81
O3 P1Z I . -0.66 -8.28 -10.74
O5 P1Z I . 3.44 -6.42 -12.12
#